data_8TJG
#
_entry.id   8TJG
#
_cell.length_a   54.065
_cell.length_b   57.177
_cell.length_c   66.287
_cell.angle_alpha   90.000
_cell.angle_beta   90.000
_cell.angle_gamma   90.000
#
_symmetry.space_group_name_H-M   'P 21 21 21'
#
loop_
_entity.id
_entity.type
_entity.pdbx_description
1 polymer 'DNA-(apurinic or apyrimidinic site) lyase'
2 non-polymer 'ZINC ION'
3 water water
#
_entity_poly.entity_id   1
_entity_poly.type   'polypeptide(L)'
_entity_poly.pdbx_seq_one_letter_code
;MPEGDTVFHTAAALRAALEGKTLTRCDVRVPRYATVDLSGAVVDEVLSRGKHLFIRAGSASIHSHLKMEGAWRIGHTKVA
PHRIRIVLETADTRAIGIDLGILEVLDRGTDMDAVAYLGPDLLGPDWEPRVAADNLAADPDRPLAQALLDQRVMAGVGNV
YCNELCFVFGRLPTAPVGTLKDPLRVVQRARDMLWLNRSRWNRTTTGDTRNGRQLWVYGRAGEPCRRCGTLIQTDRGGER
VTYWCPVCQTASLEHHHHHH
;
_entity_poly.pdbx_strand_id   A
#
# COMPACT_ATOMS: atom_id res chain seq x y z
N PRO A 2 2.53 4.58 2.91
CA PRO A 2 1.51 3.99 2.05
C PRO A 2 1.53 2.46 2.07
N GLU A 3 0.35 1.91 2.29
CA GLU A 3 0.10 0.48 2.22
C GLU A 3 -0.63 0.19 0.93
N GLY A 4 -0.96 -1.07 0.70
CA GLY A 4 -1.43 -1.46 -0.62
C GLY A 4 -2.72 -0.78 -1.04
N ASP A 5 -3.60 -0.48 -0.07
CA ASP A 5 -4.84 0.23 -0.39
C ASP A 5 -4.56 1.64 -0.90
N THR A 6 -3.67 2.37 -0.23
CA THR A 6 -3.33 3.73 -0.66
C THR A 6 -2.75 3.72 -2.06
N VAL A 7 -1.91 2.74 -2.37
CA VAL A 7 -1.26 2.71 -3.67
C VAL A 7 -2.27 2.38 -4.78
N PHE A 8 -3.11 1.36 -4.55
CA PHE A 8 -4.19 1.04 -5.49
C PHE A 8 -5.09 2.27 -5.73
N HIS A 9 -5.48 2.95 -4.64
CA HIS A 9 -6.35 4.10 -4.75
C HIS A 9 -5.68 5.23 -5.50
N THR A 10 -4.38 5.45 -5.25
CA THR A 10 -3.63 6.44 -6.01
C THR A 10 -3.59 6.08 -7.49
N ALA A 11 -3.37 4.80 -7.81
CA ALA A 11 -3.43 4.39 -9.21
C ALA A 11 -4.78 4.74 -9.83
N ALA A 12 -5.86 4.49 -9.10
CA ALA A 12 -7.19 4.81 -9.59
C ALA A 12 -7.35 6.31 -9.80
N ALA A 13 -6.83 7.12 -8.88
CA ALA A 13 -6.96 8.57 -9.03
C ALA A 13 -6.17 9.04 -10.25
N LEU A 14 -4.98 8.49 -10.45
CA LEU A 14 -4.18 8.82 -11.62
C LEU A 14 -4.84 8.34 -12.90
N ARG A 15 -5.52 7.20 -12.85
CA ARG A 15 -6.27 6.73 -14.01
C ARG A 15 -7.33 7.75 -14.41
N ALA A 16 -8.07 8.26 -13.43
CA ALA A 16 -9.09 9.26 -13.72
C ALA A 16 -8.48 10.51 -14.33
N ALA A 17 -7.30 10.91 -13.85
CA ALA A 17 -6.68 12.12 -14.36
C ALA A 17 -6.03 11.92 -15.72
N LEU A 18 -5.48 10.74 -16.00
CA LEU A 18 -4.54 10.61 -17.12
C LEU A 18 -4.90 9.54 -18.14
N GLU A 19 -5.54 8.45 -17.73
CA GLU A 19 -5.59 7.29 -18.60
C GLU A 19 -6.46 7.55 -19.83
N GLY A 20 -5.93 7.17 -21.00
CA GLY A 20 -6.63 7.38 -22.24
C GLY A 20 -6.45 8.76 -22.83
N LYS A 21 -5.62 9.60 -22.23
CA LYS A 21 -5.44 10.97 -22.63
C LYS A 21 -4.00 11.22 -23.10
N THR A 22 -3.84 12.10 -24.10
CA THR A 22 -2.52 12.54 -24.53
C THR A 22 -1.86 13.41 -23.47
N LEU A 23 -0.62 13.09 -23.12
CA LEU A 23 0.12 13.94 -22.21
C LEU A 23 0.50 15.24 -22.91
N THR A 24 0.22 16.35 -22.25
CA THR A 24 0.74 17.63 -22.73
C THR A 24 1.99 18.05 -21.99
N ARG A 25 2.29 17.43 -20.86
CA ARG A 25 3.50 17.79 -20.11
C ARG A 25 4.02 16.54 -19.41
N CYS A 26 5.33 16.36 -19.45
CA CYS A 26 6.00 15.24 -18.78
C CYS A 26 7.33 15.77 -18.27
N ASP A 27 7.34 16.23 -17.03
CA ASP A 27 8.51 16.91 -16.48
C ASP A 27 9.01 16.04 -15.33
N VAL A 28 10.06 15.26 -15.57
CA VAL A 28 10.59 14.30 -14.59
C VAL A 28 11.81 14.94 -13.96
N ARG A 29 11.64 15.45 -12.73
CA ARG A 29 12.68 16.18 -12.00
C ARG A 29 13.58 15.23 -11.19
N VAL A 30 13.97 14.15 -11.84
CA VAL A 30 14.89 13.16 -11.29
C VAL A 30 16.12 13.19 -12.19
N PRO A 31 17.33 13.35 -11.66
CA PRO A 31 18.52 13.54 -12.53
C PRO A 31 18.71 12.57 -13.70
N ARG A 32 18.65 11.25 -13.47
CA ARG A 32 18.86 10.37 -14.61
C ARG A 32 17.78 10.50 -15.69
N TYR A 33 16.65 11.18 -15.40
CA TYR A 33 15.49 11.14 -16.29
C TYR A 33 15.08 12.53 -16.75
N ALA A 34 15.99 13.50 -16.65
CA ALA A 34 15.70 14.89 -16.96
C ALA A 34 15.32 15.07 -18.42
N THR A 35 15.85 14.23 -19.32
CA THR A 35 15.56 14.35 -20.74
C THR A 35 14.30 13.59 -21.17
N VAL A 36 13.69 12.79 -20.30
CA VAL A 36 12.47 12.11 -20.69
C VAL A 36 11.39 13.15 -20.93
N ASP A 37 10.72 13.03 -22.07
CA ASP A 37 9.57 13.87 -22.35
C ASP A 37 8.58 13.00 -23.13
N LEU A 38 7.61 12.47 -22.42
CA LEU A 38 6.56 11.64 -23.02
C LEU A 38 5.38 12.46 -23.51
N SER A 39 5.47 13.78 -23.51
CA SER A 39 4.37 14.55 -24.09
C SER A 39 4.14 14.13 -25.54
N GLY A 40 2.88 14.11 -25.94
CA GLY A 40 2.49 13.60 -27.24
C GLY A 40 2.10 12.14 -27.24
N ALA A 41 2.45 11.38 -26.19
CA ALA A 41 1.99 10.01 -26.04
C ALA A 41 0.74 9.95 -25.18
N VAL A 42 -0.10 8.95 -25.47
CA VAL A 42 -1.27 8.67 -24.65
C VAL A 42 -0.84 7.87 -23.44
N VAL A 43 -1.41 8.19 -22.28
CA VAL A 43 -1.24 7.35 -21.10
C VAL A 43 -2.19 6.17 -21.30
N ASP A 44 -1.64 5.03 -21.70
CA ASP A 44 -2.49 3.89 -22.01
C ASP A 44 -2.99 3.19 -20.75
N GLU A 45 -2.25 3.25 -19.66
CA GLU A 45 -2.62 2.49 -18.48
C GLU A 45 -1.93 3.02 -17.23
N VAL A 46 -2.66 3.08 -16.13
CA VAL A 46 -2.05 3.26 -14.83
C VAL A 46 -2.44 2.03 -13.99
N LEU A 47 -1.44 1.38 -13.39
CA LEU A 47 -1.69 0.16 -12.63
C LEU A 47 -0.82 0.17 -11.39
N SER A 48 -1.29 -0.52 -10.37
CA SER A 48 -0.48 -0.77 -9.19
C SER A 48 -0.03 -2.22 -9.15
N ARG A 49 1.12 -2.45 -8.54
CA ARG A 49 1.63 -3.80 -8.25
C ARG A 49 2.07 -3.73 -6.80
N GLY A 50 1.24 -4.21 -5.88
CA GLY A 50 1.57 -4.02 -4.47
C GLY A 50 1.71 -2.56 -4.11
N LYS A 51 2.83 -2.19 -3.48
CA LYS A 51 3.07 -0.81 -3.11
C LYS A 51 3.72 0.01 -4.24
N HIS A 52 3.81 -0.55 -5.45
CA HIS A 52 4.41 0.11 -6.61
C HIS A 52 3.34 0.61 -7.58
N LEU A 53 3.66 1.70 -8.25
CA LEU A 53 2.80 2.33 -9.26
C LEU A 53 3.51 2.35 -10.60
N PHE A 54 2.76 2.08 -11.67
CA PHE A 54 3.28 2.17 -13.03
C PHE A 54 2.35 2.99 -13.91
N ILE A 55 2.93 3.97 -14.61
CA ILE A 55 2.21 4.81 -15.57
C ILE A 55 2.77 4.51 -16.95
N ARG A 56 1.99 3.82 -17.79
CA ARG A 56 2.44 3.37 -19.12
C ARG A 56 2.02 4.38 -20.18
N ALA A 57 2.99 4.96 -20.88
CA ALA A 57 2.69 5.95 -21.91
C ALA A 57 3.74 5.82 -23.00
N GLY A 58 3.29 5.66 -24.23
CA GLY A 58 4.24 5.47 -25.32
C GLY A 58 5.06 4.22 -25.06
N SER A 59 6.36 4.33 -25.22
CA SER A 59 7.26 3.20 -25.04
C SER A 59 7.81 3.09 -23.63
N ALA A 60 7.33 3.94 -22.73
CA ALA A 60 7.90 4.04 -21.38
C ALA A 60 6.89 3.65 -20.32
N SER A 61 7.43 3.35 -19.14
CA SER A 61 6.61 3.09 -17.96
C SER A 61 7.25 3.84 -16.80
N ILE A 62 6.51 4.79 -16.25
CA ILE A 62 7.00 5.57 -15.13
C ILE A 62 6.69 4.78 -13.86
N HIS A 63 7.73 4.31 -13.19
CA HIS A 63 7.62 3.46 -12.01
C HIS A 63 7.89 4.30 -10.78
N SER A 64 6.96 4.30 -9.84
CA SER A 64 7.23 4.99 -8.60
C SER A 64 6.86 4.09 -7.42
N HIS A 65 7.52 4.32 -6.30
CA HIS A 65 7.23 3.58 -5.09
C HIS A 65 6.90 4.63 -4.04
N LEU A 66 5.73 4.52 -3.42
CA LEU A 66 5.20 5.59 -2.58
C LEU A 66 5.67 5.39 -1.14
N LYS A 67 6.45 6.35 -0.63
CA LYS A 67 6.85 6.34 0.77
C LYS A 67 6.00 7.25 1.64
N MET A 68 5.19 8.12 1.04
CA MET A 68 4.45 9.17 1.74
C MET A 68 3.00 9.17 1.31
N GLU A 69 2.09 9.17 2.28
CA GLU A 69 0.68 9.25 1.92
C GLU A 69 0.38 10.64 1.34
N GLY A 70 -0.48 10.67 0.33
CA GLY A 70 -0.60 11.86 -0.49
C GLY A 70 0.54 12.08 -1.45
N ALA A 71 1.25 11.00 -1.83
CA ALA A 71 2.44 11.14 -2.66
C ALA A 71 2.12 11.72 -4.03
N TRP A 72 1.02 11.27 -4.66
CA TRP A 72 0.56 11.83 -5.93
C TRP A 72 -0.67 12.68 -5.67
N ARG A 73 -0.65 13.92 -6.16
CA ARG A 73 -1.73 14.88 -5.97
C ARG A 73 -2.27 15.29 -7.33
N ILE A 74 -3.59 15.34 -7.44
CA ILE A 74 -4.23 15.69 -8.71
C ILE A 74 -4.98 16.99 -8.49
N GLY A 75 -4.92 17.88 -9.48
CA GLY A 75 -5.42 19.22 -9.37
C GLY A 75 -4.35 20.24 -9.66
N HIS A 76 -4.75 21.51 -9.64
CA HIS A 76 -3.85 22.54 -10.12
C HIS A 76 -3.11 23.28 -9.01
N THR A 77 -3.40 22.97 -7.74
CA THR A 77 -2.65 23.53 -6.63
C THR A 77 -1.23 22.95 -6.59
N LYS A 78 -0.23 23.83 -6.57
CA LYS A 78 1.17 23.40 -6.59
C LYS A 78 1.86 23.44 -5.24
N VAL A 79 1.30 24.15 -4.26
CA VAL A 79 1.91 24.19 -2.93
C VAL A 79 1.89 22.80 -2.32
N ALA A 80 3.02 22.38 -1.77
CA ALA A 80 3.13 21.02 -1.26
C ALA A 80 4.18 20.99 -0.14
N PRO A 81 4.10 20.02 0.76
CA PRO A 81 5.05 19.98 1.87
C PRO A 81 6.42 19.44 1.50
N HIS A 82 6.55 18.76 0.36
CA HIS A 82 7.83 18.18 -0.03
C HIS A 82 8.10 18.46 -1.49
N ARG A 83 9.26 18.02 -1.94
CA ARG A 83 9.74 18.38 -3.27
C ARG A 83 8.91 17.70 -4.35
N ILE A 84 8.48 18.49 -5.33
CA ILE A 84 7.86 17.94 -6.53
C ILE A 84 8.92 17.23 -7.35
N ARG A 85 8.71 15.93 -7.59
CA ARG A 85 9.63 15.12 -8.36
C ARG A 85 9.17 14.92 -9.80
N ILE A 86 7.89 15.13 -10.10
CA ILE A 86 7.38 14.91 -11.45
C ILE A 86 6.08 15.69 -11.62
N VAL A 87 5.89 16.26 -12.80
CA VAL A 87 4.62 16.87 -13.19
C VAL A 87 4.16 16.21 -14.47
N LEU A 88 2.95 15.67 -14.46
CA LEU A 88 2.30 15.16 -15.68
C LEU A 88 1.03 15.98 -15.90
N GLU A 89 0.81 16.41 -17.14
CA GLU A 89 -0.42 17.13 -17.46
C GLU A 89 -1.04 16.59 -18.73
N THR A 90 -2.37 16.72 -18.80
CA THR A 90 -3.12 16.61 -20.04
C THR A 90 -3.78 17.95 -20.29
N ALA A 91 -4.61 18.02 -21.33
CA ALA A 91 -5.29 19.27 -21.66
C ALA A 91 -6.06 19.82 -20.47
N ASP A 92 -6.62 18.94 -19.63
CA ASP A 92 -7.53 19.34 -18.59
C ASP A 92 -7.07 19.00 -17.17
N THR A 93 -5.96 18.28 -17.01
CA THR A 93 -5.62 17.75 -15.69
C THR A 93 -4.12 17.92 -15.43
N ARG A 94 -3.78 17.88 -14.14
CA ARG A 94 -2.40 17.97 -13.68
C ARG A 94 -2.22 16.99 -12.53
N ALA A 95 -1.14 16.21 -12.58
CA ALA A 95 -0.79 15.29 -11.52
C ALA A 95 0.65 15.57 -11.10
N ILE A 96 0.90 15.68 -9.81
CA ILE A 96 2.24 15.91 -9.32
C ILE A 96 2.63 14.80 -8.36
N GLY A 97 3.89 14.37 -8.46
CA GLY A 97 4.42 13.38 -7.55
C GLY A 97 5.37 14.01 -6.57
N ILE A 98 5.09 13.86 -5.27
CA ILE A 98 5.93 14.46 -4.24
C ILE A 98 6.46 13.40 -3.28
N ASP A 99 7.66 13.66 -2.77
CA ASP A 99 8.38 12.76 -1.87
C ASP A 99 8.27 11.30 -2.27
N LEU A 100 8.38 11.03 -3.57
CA LEU A 100 8.40 9.65 -4.04
C LEU A 100 9.69 9.01 -3.56
N GLY A 101 9.61 7.73 -3.20
CA GLY A 101 10.84 7.00 -3.00
C GLY A 101 11.51 6.86 -4.35
N ILE A 102 11.41 5.68 -4.93
CA ILE A 102 11.88 5.49 -6.28
C ILE A 102 10.96 6.19 -7.26
N LEU A 103 11.56 6.90 -8.21
CA LEU A 103 10.84 7.40 -9.38
C LEU A 103 11.78 7.19 -10.55
N GLU A 104 11.38 6.33 -11.50
CA GLU A 104 12.26 6.01 -12.61
C GLU A 104 11.42 5.78 -13.85
N VAL A 105 12.05 5.85 -15.00
CA VAL A 105 11.37 5.61 -16.27
C VAL A 105 11.94 4.32 -16.83
N LEU A 106 11.10 3.30 -16.94
CA LEU A 106 11.50 1.97 -17.40
C LEU A 106 11.03 1.76 -18.82
N ASP A 107 11.63 0.77 -19.47
CA ASP A 107 11.07 0.28 -20.72
C ASP A 107 9.68 -0.31 -20.46
N ARG A 108 8.69 0.13 -21.23
CA ARG A 108 7.33 -0.34 -21.02
C ARG A 108 7.22 -1.86 -21.21
N GLY A 109 7.83 -2.38 -22.28
CA GLY A 109 7.67 -3.78 -22.60
C GLY A 109 8.16 -4.73 -21.51
N THR A 110 9.15 -4.30 -20.72
CA THR A 110 9.72 -5.14 -19.66
C THR A 110 9.45 -4.57 -18.27
N ASP A 111 8.48 -3.67 -18.11
CA ASP A 111 8.33 -2.98 -16.83
C ASP A 111 8.00 -3.91 -15.67
N MET A 112 7.33 -5.04 -15.92
CA MET A 112 6.99 -5.92 -14.80
C MET A 112 8.18 -6.70 -14.24
N ASP A 113 9.31 -6.71 -14.96
CA ASP A 113 10.53 -7.32 -14.41
C ASP A 113 10.98 -6.60 -13.16
N ALA A 114 10.59 -5.34 -12.99
CA ALA A 114 11.01 -4.59 -11.82
C ALA A 114 10.46 -5.19 -10.54
N VAL A 115 9.34 -5.92 -10.62
CA VAL A 115 8.62 -6.35 -9.43
C VAL A 115 8.17 -7.80 -9.53
N ALA A 116 8.84 -8.59 -10.38
CA ALA A 116 8.39 -9.97 -10.62
C ALA A 116 8.49 -10.86 -9.38
N TYR A 117 9.32 -10.48 -8.40
CA TYR A 117 9.48 -11.25 -7.17
C TYR A 117 8.33 -11.07 -6.20
N LEU A 118 7.41 -10.13 -6.42
CA LEU A 118 6.37 -9.88 -5.42
C LEU A 118 5.51 -11.10 -5.18
N GLY A 119 5.15 -11.33 -3.93
CA GLY A 119 4.13 -12.31 -3.62
C GLY A 119 2.78 -11.84 -4.11
N PRO A 120 1.76 -12.68 -4.02
CA PRO A 120 0.43 -12.33 -4.53
C PRO A 120 -0.04 -10.97 -4.02
N ASP A 121 -0.56 -10.16 -4.94
CA ASP A 121 -0.94 -8.80 -4.61
C ASP A 121 -2.35 -8.81 -4.03
N LEU A 122 -2.46 -8.37 -2.77
CA LEU A 122 -3.73 -8.34 -2.08
C LEU A 122 -4.80 -7.60 -2.87
N LEU A 123 -4.40 -6.60 -3.68
CA LEU A 123 -5.36 -5.82 -4.47
C LEU A 123 -5.17 -6.01 -5.97
N GLY A 124 -4.42 -7.03 -6.38
CA GLY A 124 -4.16 -7.29 -7.79
C GLY A 124 -5.25 -8.16 -8.39
N PRO A 125 -5.40 -8.09 -9.72
CA PRO A 125 -6.57 -8.72 -10.35
C PRO A 125 -6.63 -10.23 -10.20
N ASP A 126 -5.49 -10.90 -10.06
CA ASP A 126 -5.45 -12.35 -10.04
C ASP A 126 -4.99 -12.88 -8.68
N TRP A 127 -5.50 -12.29 -7.60
CA TRP A 127 -5.07 -12.67 -6.25
C TRP A 127 -5.24 -14.17 -6.03
N GLU A 128 -4.33 -14.76 -5.25
CA GLU A 128 -4.26 -16.21 -5.06
C GLU A 128 -4.04 -16.52 -3.58
N PRO A 129 -5.11 -16.69 -2.80
CA PRO A 129 -4.93 -16.78 -1.34
C PRO A 129 -4.14 -18.01 -0.92
N ARG A 130 -4.24 -19.13 -1.63
CA ARG A 130 -3.48 -20.29 -1.19
C ARG A 130 -1.99 -20.07 -1.36
N VAL A 131 -1.58 -19.36 -2.41
CA VAL A 131 -0.16 -19.03 -2.56
C VAL A 131 0.30 -18.20 -1.37
N ALA A 132 -0.46 -17.17 -1.04
CA ALA A 132 -0.08 -16.31 0.07
C ALA A 132 -0.06 -17.10 1.37
N ALA A 133 -1.05 -17.97 1.57
CA ALA A 133 -1.12 -18.75 2.81
C ALA A 133 0.06 -19.71 2.92
N ASP A 134 0.41 -20.41 1.85
CA ASP A 134 1.59 -21.26 1.89
C ASP A 134 2.87 -20.47 2.08
N ASN A 135 2.96 -19.29 1.47
CA ASN A 135 4.13 -18.47 1.73
C ASN A 135 4.18 -18.06 3.18
N LEU A 136 3.03 -17.67 3.74
CA LEU A 136 3.00 -17.18 5.12
C LEU A 136 3.38 -18.28 6.10
N ALA A 137 2.94 -19.51 5.82
CA ALA A 137 3.17 -20.64 6.71
C ALA A 137 4.45 -21.41 6.38
N ALA A 138 5.21 -20.98 5.38
CA ALA A 138 6.34 -21.79 4.91
C ALA A 138 7.41 -21.92 5.98
N ASP A 139 7.53 -20.93 6.85
CA ASP A 139 8.52 -20.97 7.92
C ASP A 139 7.77 -20.70 9.22
N PRO A 140 7.34 -21.75 9.92
CA PRO A 140 6.48 -21.55 11.08
C PRO A 140 7.15 -20.84 12.22
N ASP A 141 8.48 -20.85 12.30
CA ASP A 141 9.12 -20.13 13.38
C ASP A 141 9.33 -18.66 13.07
N ARG A 142 8.90 -18.21 11.91
CA ARG A 142 9.08 -16.82 11.60
C ARG A 142 8.07 -15.99 12.39
N PRO A 143 8.49 -14.88 12.97
CA PRO A 143 7.54 -14.01 13.67
C PRO A 143 6.45 -13.50 12.72
N LEU A 144 5.23 -13.46 13.25
CA LEU A 144 4.04 -13.18 12.43
C LEU A 144 4.14 -11.83 11.73
N ALA A 145 4.51 -10.78 12.45
CA ALA A 145 4.51 -9.46 11.81
C ALA A 145 5.54 -9.38 10.69
N GLN A 146 6.72 -9.96 10.90
CA GLN A 146 7.75 -9.94 9.85
C GLN A 146 7.26 -10.66 8.61
N ALA A 147 6.56 -11.77 8.78
CA ALA A 147 6.03 -12.49 7.63
C ALA A 147 4.95 -11.68 6.92
N LEU A 148 4.04 -11.07 7.68
CA LEU A 148 2.96 -10.27 7.07
C LEU A 148 3.52 -9.10 6.25
N LEU A 149 4.62 -8.50 6.72
CA LEU A 149 5.20 -7.31 6.12
C LEU A 149 6.13 -7.61 4.96
N ASP A 150 6.46 -8.89 4.73
CA ASP A 150 7.40 -9.30 3.70
C ASP A 150 6.67 -9.33 2.36
N GLN A 151 7.03 -8.41 1.46
CA GLN A 151 6.30 -8.29 0.20
C GLN A 151 6.49 -9.48 -0.72
N ARG A 152 7.44 -10.37 -0.43
CA ARG A 152 7.59 -11.60 -1.20
C ARG A 152 6.60 -12.66 -0.71
N VAL A 153 6.09 -12.52 0.52
CA VAL A 153 5.05 -13.43 1.00
C VAL A 153 3.72 -13.08 0.35
N MET A 154 3.36 -11.80 0.41
CA MET A 154 2.17 -11.26 -0.23
C MET A 154 2.37 -9.75 -0.24
N ALA A 155 1.79 -9.06 -1.22
CA ALA A 155 2.09 -7.65 -1.40
C ALA A 155 0.93 -6.79 -0.90
N GLY A 156 1.25 -5.83 -0.04
CA GLY A 156 0.30 -4.80 0.32
C GLY A 156 0.17 -4.46 1.79
N VAL A 157 0.58 -5.34 2.71
CA VAL A 157 0.46 -5.04 4.15
C VAL A 157 1.59 -4.11 4.56
N GLY A 158 1.24 -3.04 5.27
CA GLY A 158 2.20 -2.21 5.95
C GLY A 158 1.92 -2.19 7.44
N ASN A 159 2.47 -1.22 8.14
CA ASN A 159 2.40 -1.29 9.60
C ASN A 159 0.96 -1.17 10.13
N VAL A 160 0.10 -0.38 9.50
CA VAL A 160 -1.26 -0.27 10.02
C VAL A 160 -1.99 -1.59 9.89
N TYR A 161 -2.01 -2.16 8.68
CA TYR A 161 -2.70 -3.44 8.52
C TYR A 161 -2.03 -4.56 9.31
N CYS A 162 -0.71 -4.53 9.47
CA CYS A 162 -0.08 -5.55 10.29
C CYS A 162 -0.61 -5.53 11.72
N ASN A 163 -0.66 -4.32 12.32
CA ASN A 163 -1.20 -4.19 13.67
C ASN A 163 -2.65 -4.63 13.75
N GLU A 164 -3.45 -4.24 12.75
CA GLU A 164 -4.87 -4.58 12.78
C GLU A 164 -5.09 -6.08 12.60
N LEU A 165 -4.35 -6.72 11.67
CA LEU A 165 -4.50 -8.16 11.47
C LEU A 165 -4.11 -8.95 12.72
N CYS A 166 -3.01 -8.55 13.38
CA CYS A 166 -2.61 -9.23 14.60
C CYS A 166 -3.72 -9.16 15.66
N PHE A 167 -4.41 -8.01 15.76
CA PHE A 167 -5.51 -7.89 16.71
C PHE A 167 -6.66 -8.82 16.36
N VAL A 168 -7.14 -8.79 15.11
CA VAL A 168 -8.32 -9.59 14.80
C VAL A 168 -8.06 -11.09 14.92
N PHE A 169 -6.79 -11.53 14.84
CA PHE A 169 -6.46 -12.93 15.06
C PHE A 169 -5.92 -13.22 16.45
N GLY A 170 -5.99 -12.25 17.35
CA GLY A 170 -5.69 -12.51 18.75
C GLY A 170 -4.24 -12.87 19.01
N ARG A 171 -3.32 -12.36 18.20
CA ARG A 171 -1.91 -12.71 18.29
C ARG A 171 -1.07 -11.46 18.51
N LEU A 172 -0.02 -11.61 19.32
CA LEU A 172 1.03 -10.59 19.40
C LEU A 172 1.90 -10.65 18.14
N PRO A 173 2.48 -9.51 17.72
CA PRO A 173 3.24 -9.49 16.46
C PRO A 173 4.48 -10.39 16.47
N THR A 174 5.00 -10.72 17.65
CA THR A 174 6.13 -11.62 17.83
C THR A 174 5.74 -13.09 17.87
N ALA A 175 4.45 -13.38 17.90
CA ALA A 175 4.01 -14.77 17.87
C ALA A 175 4.54 -15.42 16.59
N PRO A 176 5.07 -16.64 16.69
CA PRO A 176 5.46 -17.35 15.45
C PRO A 176 4.22 -17.62 14.60
N VAL A 177 4.43 -17.61 13.28
CA VAL A 177 3.37 -17.99 12.35
C VAL A 177 2.84 -19.38 12.66
N GLY A 178 3.68 -20.25 13.22
CA GLY A 178 3.26 -21.60 13.56
C GLY A 178 2.13 -21.65 14.56
N THR A 179 1.89 -20.56 15.29
CA THR A 179 0.79 -20.54 16.23
C THR A 179 -0.54 -20.19 15.59
N LEU A 180 -0.60 -19.95 14.29
CA LEU A 180 -1.88 -19.61 13.66
C LEU A 180 -2.68 -20.89 13.44
N LYS A 181 -3.98 -20.84 13.78
CA LYS A 181 -4.86 -21.97 13.54
C LYS A 181 -5.08 -22.22 12.05
N ASP A 182 -5.12 -21.17 11.23
CA ASP A 182 -5.49 -21.29 9.82
C ASP A 182 -4.87 -20.14 9.05
N PRO A 183 -3.67 -20.33 8.49
CA PRO A 183 -3.05 -19.24 7.71
C PRO A 183 -3.88 -18.80 6.52
N LEU A 184 -4.69 -19.68 5.93
CA LEU A 184 -5.52 -19.27 4.82
C LEU A 184 -6.52 -18.19 5.25
N ARG A 185 -7.11 -18.36 6.44
CA ARG A 185 -8.04 -17.36 6.96
C ARG A 185 -7.35 -16.02 7.17
N VAL A 186 -6.10 -16.05 7.66
CA VAL A 186 -5.37 -14.81 7.85
C VAL A 186 -5.23 -14.05 6.54
N VAL A 187 -4.76 -14.73 5.49
CA VAL A 187 -4.52 -14.00 4.25
C VAL A 187 -5.82 -13.60 3.57
N GLN A 188 -6.88 -14.40 3.74
CA GLN A 188 -8.17 -14.01 3.19
C GLN A 188 -8.72 -12.79 3.91
N ARG A 189 -8.50 -12.70 5.23
CA ARG A 189 -8.96 -11.52 5.96
C ARG A 189 -8.15 -10.30 5.56
N ALA A 190 -6.84 -10.49 5.34
CA ALA A 190 -6.03 -9.39 4.85
C ALA A 190 -6.53 -8.89 3.51
N ARG A 191 -6.85 -9.82 2.59
CA ARG A 191 -7.44 -9.42 1.32
C ARG A 191 -8.72 -8.62 1.54
N ASP A 192 -9.59 -9.10 2.43
CA ASP A 192 -10.88 -8.44 2.62
C ASP A 192 -10.68 -7.04 3.20
N MET A 193 -9.72 -6.91 4.13
CA MET A 193 -9.48 -5.63 4.78
C MET A 193 -8.95 -4.59 3.78
N LEU A 194 -7.96 -4.98 2.97
CA LEU A 194 -7.46 -4.04 1.97
C LEU A 194 -8.50 -3.76 0.90
N TRP A 195 -9.24 -4.80 0.48
CA TRP A 195 -10.23 -4.61 -0.56
C TRP A 195 -11.30 -3.62 -0.14
N LEU A 196 -11.78 -3.72 1.11
CA LEU A 196 -12.78 -2.77 1.59
C LEU A 196 -12.30 -1.33 1.55
N ASN A 197 -10.99 -1.10 1.59
CA ASN A 197 -10.41 0.23 1.64
C ASN A 197 -9.74 0.65 0.33
N ARG A 198 -9.94 -0.11 -0.74
CA ARG A 198 -9.26 0.16 -2.00
C ARG A 198 -9.66 1.52 -2.59
N SER A 199 -10.83 2.04 -2.24
CA SER A 199 -11.30 3.34 -2.72
C SER A 199 -11.75 4.18 -1.54
N ARG A 200 -11.13 3.98 -0.38
CA ARG A 200 -11.52 4.68 0.84
C ARG A 200 -10.24 5.16 1.55
N TRP A 201 -9.92 6.45 1.39
CA TRP A 201 -8.78 7.01 2.12
C TRP A 201 -8.99 6.93 3.64
N ASN A 202 -10.24 6.95 4.09
CA ASN A 202 -10.62 6.87 5.50
C ASN A 202 -10.57 5.41 5.94
N ARG A 203 -9.34 4.91 6.13
CA ARG A 203 -9.10 3.49 6.31
C ARG A 203 -9.88 2.96 7.50
N THR A 204 -10.70 1.94 7.26
CA THR A 204 -11.62 1.41 8.28
C THR A 204 -11.54 -0.10 8.29
N THR A 205 -11.31 -0.67 9.46
CA THR A 205 -11.21 -2.11 9.63
C THR A 205 -12.27 -2.64 10.59
N THR A 206 -13.02 -1.76 11.24
CA THR A 206 -14.02 -2.14 12.24
C THR A 206 -15.43 -2.24 11.67
N GLY A 207 -15.62 -1.91 10.40
CA GLY A 207 -16.94 -1.77 9.87
C GLY A 207 -17.62 -0.46 10.20
N ASP A 208 -17.01 0.41 11.00
CA ASP A 208 -17.61 1.68 11.41
C ASP A 208 -16.69 2.80 10.92
N THR A 209 -17.12 3.49 9.87
CA THR A 209 -16.31 4.50 9.22
C THR A 209 -16.33 5.85 9.91
N ARG A 210 -17.04 5.99 11.03
CA ARG A 210 -17.23 7.29 11.65
C ARG A 210 -15.96 7.73 12.38
N ASN A 211 -15.86 9.05 12.61
CA ASN A 211 -14.67 9.62 13.23
C ASN A 211 -14.38 8.95 14.56
N GLY A 212 -13.16 8.44 14.71
CA GLY A 212 -12.74 7.82 15.95
C GLY A 212 -13.11 6.36 16.10
N ARG A 213 -13.83 5.80 15.13
CA ARG A 213 -14.36 4.44 15.22
C ARG A 213 -13.66 3.47 14.28
N GLN A 214 -12.71 3.93 13.48
CA GLN A 214 -12.35 3.20 12.26
C GLN A 214 -11.41 2.04 12.47
N LEU A 215 -10.51 2.07 13.46
CA LEU A 215 -9.51 1.03 13.64
C LEU A 215 -9.65 0.34 15.00
N TRP A 216 -9.17 -0.90 15.08
CA TRP A 216 -9.25 -1.66 16.34
C TRP A 216 -8.18 -1.22 17.33
N VAL A 217 -6.92 -1.14 16.90
CA VAL A 217 -5.83 -0.87 17.83
C VAL A 217 -4.85 0.18 17.34
N TYR A 218 -4.58 0.25 16.01
CA TYR A 218 -3.53 1.15 15.55
C TYR A 218 -3.86 2.61 15.89
N GLY A 219 -2.89 3.31 16.48
CA GLY A 219 -3.10 4.71 16.82
C GLY A 219 -3.97 4.92 18.05
N ARG A 220 -4.24 3.87 18.84
CA ARG A 220 -5.23 3.96 19.91
C ARG A 220 -4.64 3.67 21.29
N ALA A 221 -3.36 3.92 21.50
CA ALA A 221 -2.78 3.61 22.81
C ALA A 221 -3.56 4.31 23.91
N GLY A 222 -3.85 3.58 24.97
CA GLY A 222 -4.53 4.19 26.10
C GLY A 222 -6.03 4.32 25.95
N GLU A 223 -6.58 3.91 24.81
CA GLU A 223 -8.02 3.90 24.59
C GLU A 223 -8.57 2.50 24.82
N PRO A 224 -9.87 2.35 25.09
CA PRO A 224 -10.42 1.02 25.35
C PRO A 224 -10.49 0.18 24.09
N CYS A 225 -10.12 -1.09 24.24
CA CYS A 225 -10.41 -2.05 23.21
C CYS A 225 -11.92 -2.04 22.95
N ARG A 226 -12.29 -2.03 21.67
CA ARG A 226 -13.69 -1.92 21.29
C ARG A 226 -14.51 -3.15 21.63
N ARG A 227 -13.85 -4.27 21.87
CA ARG A 227 -14.52 -5.49 22.29
C ARG A 227 -14.47 -5.62 23.81
N CYS A 228 -13.28 -5.90 24.39
CA CYS A 228 -13.23 -6.28 25.81
C CYS A 228 -13.18 -5.10 26.77
N GLY A 229 -12.88 -3.89 26.27
CA GLY A 229 -12.82 -2.72 27.12
C GLY A 229 -11.46 -2.39 27.71
N THR A 230 -10.49 -3.30 27.61
CA THR A 230 -9.18 -3.12 28.23
C THR A 230 -8.42 -2.01 27.48
N LEU A 231 -7.63 -1.23 28.20
CA LEU A 231 -6.87 -0.19 27.51
C LEU A 231 -5.79 -0.78 26.59
N ILE A 232 -5.69 -0.21 25.38
CA ILE A 232 -4.69 -0.64 24.40
C ILE A 232 -3.29 -0.21 24.80
N GLN A 233 -2.31 -1.11 24.62
CA GLN A 233 -0.90 -0.89 24.92
C GLN A 233 -0.11 -0.67 23.65
N THR A 234 1.08 -0.10 23.80
CA THR A 234 1.94 0.19 22.66
C THR A 234 3.40 -0.02 23.05
N ASP A 235 4.21 -0.32 22.03
CA ASP A 235 5.66 -0.48 22.18
C ASP A 235 6.33 0.17 20.98
N ARG A 236 7.37 0.95 21.24
CA ARG A 236 8.10 1.61 20.15
C ARG A 236 9.54 1.11 20.05
N GLY A 237 9.83 -0.05 20.63
CA GLY A 237 11.07 -0.73 20.33
C GLY A 237 11.04 -1.36 18.95
N GLY A 238 12.24 -1.58 18.41
CA GLY A 238 12.37 -2.16 17.09
C GLY A 238 12.07 -1.17 15.98
N GLU A 239 11.85 -1.72 14.77
CA GLU A 239 11.56 -0.88 13.60
C GLU A 239 10.30 -0.06 13.79
N ARG A 240 9.20 -0.72 14.13
CA ARG A 240 7.86 -0.18 13.90
C ARG A 240 7.12 -0.07 15.23
N VAL A 241 6.19 0.87 15.29
CA VAL A 241 5.38 1.01 16.49
C VAL A 241 4.30 -0.06 16.43
N THR A 242 4.09 -0.75 17.56
CA THR A 242 3.03 -1.74 17.65
C THR A 242 2.00 -1.29 18.69
N TYR A 243 0.77 -1.72 18.49
CA TYR A 243 -0.35 -1.45 19.36
C TYR A 243 -1.09 -2.77 19.53
N TRP A 244 -1.55 -3.06 20.75
CA TRP A 244 -2.24 -4.33 20.96
C TRP A 244 -3.12 -4.25 22.20
N CYS A 245 -4.16 -5.09 22.20
CA CYS A 245 -4.97 -5.27 23.38
C CYS A 245 -4.38 -6.41 24.19
N PRO A 246 -3.99 -6.18 25.45
CA PRO A 246 -3.34 -7.25 26.22
C PRO A 246 -4.28 -8.33 26.70
N VAL A 247 -5.59 -8.18 26.54
CA VAL A 247 -6.54 -9.26 26.81
C VAL A 247 -6.88 -10.05 25.55
N CYS A 248 -7.19 -9.35 24.45
CA CYS A 248 -7.55 -10.05 23.22
C CYS A 248 -6.34 -10.65 22.53
N GLN A 249 -5.14 -10.13 22.79
CA GLN A 249 -3.90 -10.61 22.17
C GLN A 249 -2.98 -11.10 23.28
N THR A 250 -2.95 -12.40 23.52
CA THR A 250 -2.13 -12.95 24.59
C THR A 250 -0.97 -13.73 24.02
N ALA A 251 0.09 -13.85 24.82
CA ALA A 251 1.18 -14.74 24.47
C ALA A 251 0.66 -16.17 24.59
#